data_8RK4
#
_entry.id   8RK4
#
_cell.length_a   1.00
_cell.length_b   1.00
_cell.length_c   1.00
_cell.angle_alpha   90.00
_cell.angle_beta   90.00
_cell.angle_gamma   90.00
#
_symmetry.space_group_name_H-M   'P 1'
#
_entity_poly.entity_id   1
_entity_poly.type   'polypeptide(L)'
_entity_poly.pdbx_seq_one_letter_code
;MTLYMGPNTGLLINGLPGEGHYSDLIRMWRWDDFLRQPVVKGRVATLPTTGQAEGDTYIFTGSGSNQNRLARWWATGATT
AIWEYMPPRLGWRVQVANETTPSGQVKTYEYSGTAWVELVGGMSDAPSDGKAYARESGAWTELGSAAKSALNVLPFMNLM
PDMGRFAGTAANPLATMFTTSWTPSSFLNGWNGATVADGGKFAFDNSTNGGAGPALNARVQALLAAMGRTWTSVSRYGVE
FFTAVLTAGSQTTTGSAGADGVTRYLCCSNGSKTVFNAGGWATVVMWLRVESGSAHISSAPYTTHRLWINGAVAAPGVVL
PANQWVHLRFSMQSYNGYDNACPYIYASAGAQIAFACPAWFGGLVDPGIHVAPILTINGASA
;
_entity_poly.pdbx_strand_id   B
#
# COMPACT_ATOMS: atom_id res chain seq x y z
N GLY A 10 53.51 4.38 10.54
CA GLY A 10 54.66 3.57 10.88
C GLY A 10 55.11 3.76 12.31
N LEU A 11 55.45 2.65 12.98
CA LEU A 11 55.91 2.71 14.36
C LEU A 11 56.65 1.42 14.72
N LEU A 12 57.49 1.46 15.74
CA LEU A 12 58.27 0.30 16.13
C LEU A 12 58.39 0.26 17.65
N ILE A 13 58.45 -0.97 18.18
CA ILE A 13 58.73 -1.19 19.59
C ILE A 13 59.88 -2.18 19.71
N ASN A 14 60.58 -2.42 18.60
CA ASN A 14 61.71 -3.32 18.58
C ASN A 14 62.98 -2.60 19.04
N GLY A 15 63.96 -3.38 19.47
CA GLY A 15 65.23 -2.84 19.90
C GLY A 15 65.33 -2.72 21.41
N LEU A 16 65.63 -1.50 21.88
CA LEU A 16 65.66 -1.10 23.29
C LEU A 16 66.65 -1.94 24.09
N PRO A 17 67.22 -1.41 25.16
CA PRO A 17 68.21 -2.18 25.93
C PRO A 17 67.60 -3.44 26.50
N GLY A 18 68.42 -4.49 26.60
CA GLY A 18 67.96 -5.74 27.17
C GLY A 18 67.66 -5.67 28.65
N GLU A 19 68.22 -4.68 29.36
CA GLU A 19 67.98 -4.53 30.78
C GLU A 19 66.49 -4.49 31.07
N GLY A 20 65.75 -3.71 30.29
CA GLY A 20 64.32 -3.60 30.44
C GLY A 20 63.52 -4.54 29.56
N HIS A 21 64.13 -5.61 29.03
CA HIS A 21 63.39 -6.50 28.13
C HIS A 21 62.21 -7.12 28.84
N TYR A 22 62.32 -7.35 30.15
CA TYR A 22 61.27 -8.05 30.88
C TYR A 22 59.98 -7.25 30.91
N SER A 23 60.09 -5.93 31.08
CA SER A 23 58.89 -5.10 31.06
C SER A 23 58.14 -5.26 29.74
N ASP A 24 58.83 -5.02 28.62
CA ASP A 24 58.20 -5.15 27.31
C ASP A 24 57.78 -6.60 27.03
N LEU A 25 58.39 -7.57 27.70
CA LEU A 25 58.05 -8.97 27.43
C LEU A 25 56.74 -9.35 28.12
N ILE A 26 56.60 -8.98 29.41
CA ILE A 26 55.28 -8.98 30.04
C ILE A 26 54.29 -8.24 29.15
N ARG A 27 54.72 -7.12 28.60
CA ARG A 27 53.86 -6.27 27.82
C ARG A 27 53.30 -7.03 26.60
N MET A 28 54.20 -7.60 25.80
CA MET A 28 53.78 -8.29 24.59
C MET A 28 52.98 -9.54 24.92
N TRP A 29 53.31 -10.24 26.02
CA TRP A 29 52.46 -11.37 26.42
C TRP A 29 51.04 -10.90 26.69
N ARG A 30 50.89 -9.74 27.34
CA ARG A 30 49.54 -9.28 27.68
C ARG A 30 48.71 -8.99 26.43
N TRP A 31 49.32 -8.43 25.38
CA TRP A 31 48.58 -8.49 24.11
C TRP A 31 48.39 -9.89 23.56
N ASP A 32 49.44 -10.69 23.40
CA ASP A 32 49.25 -12.00 22.78
C ASP A 32 48.08 -12.73 23.42
N ASP A 33 47.86 -12.47 24.71
CA ASP A 33 46.62 -12.92 25.36
C ASP A 33 45.35 -12.24 24.84
N PHE A 34 45.43 -10.95 24.50
CA PHE A 34 44.25 -10.22 24.03
C PHE A 34 43.89 -10.58 22.59
N LEU A 35 44.91 -10.84 21.76
CA LEU A 35 44.69 -11.01 20.33
C LEU A 35 43.91 -12.26 19.99
N ARG A 36 43.46 -13.03 20.99
CA ARG A 36 42.67 -14.22 20.67
C ARG A 36 41.47 -13.87 19.80
N GLN A 37 40.71 -12.85 20.18
CA GLN A 37 39.60 -12.35 19.36
C GLN A 37 39.36 -10.90 19.73
N PRO A 38 39.66 -9.97 18.81
CA PRO A 38 39.45 -8.55 19.12
C PRO A 38 37.99 -8.13 19.05
N VAL A 39 37.26 -8.36 20.15
CA VAL A 39 35.84 -8.00 20.24
C VAL A 39 35.69 -7.04 21.42
N VAL A 40 35.05 -5.91 21.17
CA VAL A 40 34.83 -4.91 22.21
C VAL A 40 33.43 -5.06 22.78
N LYS A 41 33.32 -4.90 24.10
CA LYS A 41 32.01 -5.01 24.74
C LYS A 41 31.15 -3.77 24.46
N GLY A 42 31.77 -2.66 24.08
CA GLY A 42 31.02 -1.45 23.79
C GLY A 42 31.93 -0.24 23.83
N ARG A 43 31.45 0.83 23.21
CA ARG A 43 32.18 2.09 23.15
C ARG A 43 31.86 2.91 24.40
N VAL A 44 32.87 3.55 24.97
CA VAL A 44 32.73 4.34 26.18
C VAL A 44 33.48 5.66 26.00
N ALA A 45 32.84 6.75 26.41
CA ALA A 45 33.51 8.04 26.43
C ALA A 45 34.27 8.29 27.73
N THR A 46 34.18 7.37 28.68
CA THR A 46 34.85 7.49 29.96
C THR A 46 35.25 6.10 30.45
N LEU A 47 36.44 5.98 31.01
CA LEU A 47 36.90 4.70 31.50
C LEU A 47 35.97 4.18 32.59
N PRO A 48 35.50 2.93 32.50
CA PRO A 48 34.68 2.38 33.57
C PRO A 48 35.42 2.40 34.90
N THR A 49 34.94 3.22 35.82
CA THR A 49 35.57 3.35 37.14
C THR A 49 35.24 2.20 38.08
N THR A 50 34.25 1.37 37.73
CA THR A 50 33.86 0.23 38.55
C THR A 50 33.29 -0.85 37.64
N GLY A 51 33.28 -2.08 38.15
CA GLY A 51 32.72 -3.20 37.44
C GLY A 51 33.47 -3.61 36.18
N GLN A 52 34.79 -3.67 36.21
CA GLN A 52 35.56 -4.19 35.08
C GLN A 52 36.60 -5.19 35.56
N ALA A 53 36.92 -6.15 34.69
CA ALA A 53 37.91 -7.17 34.99
C ALA A 53 38.63 -7.59 33.72
N GLU A 54 39.46 -8.63 33.84
CA GLU A 54 40.15 -9.16 32.67
C GLU A 54 39.13 -9.63 31.64
N GLY A 55 39.42 -9.34 30.38
CA GLY A 55 38.50 -9.63 29.29
C GLY A 55 37.53 -8.51 28.98
N ASP A 56 37.42 -7.50 29.82
CA ASP A 56 36.56 -6.37 29.54
C ASP A 56 37.30 -5.34 28.71
N THR A 57 36.80 -5.09 27.50
CA THR A 57 37.42 -4.16 26.57
C THR A 57 36.37 -3.17 26.05
N TYR A 58 36.50 -1.92 26.45
CA TYR A 58 35.64 -0.85 25.99
C TYR A 58 36.46 0.16 25.20
N ILE A 59 35.84 0.73 24.18
CA ILE A 59 36.53 1.68 23.31
C ILE A 59 36.46 3.05 23.95
N PHE A 60 37.57 3.48 24.56
CA PHE A 60 37.63 4.77 25.23
C PHE A 60 37.70 5.87 24.17
N THR A 61 36.54 6.42 23.82
CA THR A 61 36.44 7.48 22.82
C THR A 61 36.09 8.83 23.43
N GLY A 62 36.40 9.06 24.70
CA GLY A 62 36.14 10.35 25.31
C GLY A 62 36.91 11.45 24.61
N SER A 63 36.37 12.67 24.69
CA SER A 63 36.99 13.81 24.03
C SER A 63 38.43 13.97 24.50
N GLY A 64 39.32 14.11 23.53
CA GLY A 64 40.74 14.26 23.81
C GLY A 64 41.56 13.53 22.76
N SER A 65 42.86 13.41 23.04
CA SER A 65 43.76 12.74 22.11
C SER A 65 43.63 11.22 22.22
N ASN A 66 43.05 10.72 23.29
CA ASN A 66 42.97 9.29 23.55
C ASN A 66 41.70 8.66 22.96
N GLN A 67 41.12 9.27 21.93
CA GLN A 67 39.93 8.70 21.31
C GLN A 67 40.28 7.39 20.61
N ASN A 68 39.41 6.39 20.79
CA ASN A 68 39.51 5.06 20.22
C ASN A 68 40.57 4.20 20.89
N ARG A 69 41.32 4.73 21.84
CA ARG A 69 42.32 3.94 22.55
C ARG A 69 41.63 2.87 23.39
N LEU A 70 42.22 1.68 23.41
CA LEU A 70 41.63 0.57 24.15
C LEU A 70 41.76 0.81 25.65
N ALA A 71 40.92 0.14 26.43
CA ALA A 71 40.79 0.40 27.86
C ALA A 71 40.67 -0.93 28.60
N ARG A 72 41.37 -1.95 28.12
CA ARG A 72 41.37 -3.26 28.75
C ARG A 72 41.87 -3.14 30.19
N TRP A 73 41.10 -3.69 31.13
CA TRP A 73 41.51 -3.75 32.52
C TRP A 73 42.13 -5.11 32.81
N TRP A 74 43.31 -5.11 33.42
CA TRP A 74 44.10 -6.31 33.63
C TRP A 74 44.36 -6.48 35.13
N ALA A 75 43.43 -7.16 35.80
CA ALA A 75 43.55 -7.42 37.24
C ALA A 75 43.74 -8.89 37.57
N THR A 76 42.92 -9.77 37.01
CA THR A 76 43.05 -11.20 37.27
C THR A 76 44.45 -11.63 36.88
N GLY A 77 45.11 -12.38 37.77
CA GLY A 77 46.48 -12.79 37.50
C GLY A 77 47.43 -11.64 37.26
N ALA A 78 47.29 -10.54 37.99
CA ALA A 78 48.09 -9.36 37.73
C ALA A 78 48.66 -8.80 39.03
N THR A 79 49.79 -8.09 38.92
CA THR A 79 50.35 -7.42 40.09
C THR A 79 49.62 -6.12 40.38
N THR A 80 49.54 -5.22 39.40
CA THR A 80 48.81 -3.97 39.54
C THR A 80 48.08 -3.68 38.24
N ALA A 81 46.76 -3.60 38.30
CA ALA A 81 45.96 -3.42 37.10
C ALA A 81 46.04 -1.98 36.61
N ILE A 82 46.21 -1.82 35.29
CA ILE A 82 46.29 -0.50 34.67
C ILE A 82 45.42 -0.52 33.41
N TRP A 83 45.07 0.67 32.93
CA TRP A 83 44.30 0.81 31.70
C TRP A 83 45.26 0.84 30.51
N GLU A 84 45.74 -0.33 30.10
CA GLU A 84 46.64 -0.42 28.96
C GLU A 84 45.98 0.17 27.72
N TYR A 85 46.72 0.99 27.00
CA TYR A 85 46.20 1.72 25.85
C TYR A 85 46.75 1.20 24.54
N MET A 86 45.88 1.14 23.54
CA MET A 86 46.20 0.76 22.17
C MET A 86 45.72 1.82 21.18
N PRO A 87 46.56 2.79 20.84
CA PRO A 87 46.24 3.69 19.73
C PRO A 87 46.06 2.90 18.44
N PRO A 88 44.95 3.10 17.73
CA PRO A 88 44.85 2.50 16.39
C PRO A 88 45.53 3.37 15.35
N ARG A 89 45.62 2.88 14.12
CA ARG A 89 46.21 3.66 13.05
C ARG A 89 45.62 3.22 11.71
N LEU A 90 44.73 4.04 11.15
CA LEU A 90 44.04 3.67 9.92
C LEU A 90 43.44 2.27 10.11
N GLY A 91 42.66 2.10 11.16
CA GLY A 91 42.20 0.78 11.56
C GLY A 91 41.20 0.18 10.60
N TRP A 92 40.67 -1.00 10.93
CA TRP A 92 39.78 -1.72 10.02
C TRP A 92 38.76 -2.55 10.79
N ARG A 93 38.16 -3.53 10.12
CA ARG A 93 36.98 -4.22 10.64
C ARG A 93 37.24 -4.74 12.04
N VAL A 94 36.29 -4.51 12.94
CA VAL A 94 36.31 -5.07 14.29
C VAL A 94 34.93 -5.64 14.60
N GLN A 95 34.89 -6.90 15.00
CA GLN A 95 33.62 -7.56 15.28
C GLN A 95 33.11 -7.19 16.67
N VAL A 96 31.80 -7.31 16.84
CA VAL A 96 31.12 -7.00 18.10
C VAL A 96 30.15 -8.13 18.38
N ALA A 97 30.12 -8.60 19.62
CA ALA A 97 29.43 -9.86 19.93
C ALA A 97 28.04 -9.62 20.51
N ASN A 98 27.95 -8.79 21.55
CA ASN A 98 26.71 -8.69 22.31
C ASN A 98 25.52 -8.37 21.42
N GLU A 99 25.52 -7.19 20.81
CA GLU A 99 24.44 -6.83 19.89
C GLU A 99 24.73 -7.38 18.50
N THR A 100 23.67 -7.56 17.72
CA THR A 100 23.78 -8.16 16.40
C THR A 100 22.59 -7.75 15.55
N THR A 101 22.75 -7.85 14.24
CA THR A 101 21.69 -7.54 13.30
C THR A 101 20.63 -8.63 13.38
N PRO A 102 19.39 -8.34 12.97
CA PRO A 102 18.35 -9.38 13.00
C PRO A 102 18.69 -10.59 12.16
N SER A 103 19.51 -10.43 11.11
CA SER A 103 19.85 -11.53 10.23
C SER A 103 20.99 -12.39 10.76
N GLY A 104 21.33 -12.28 12.04
CA GLY A 104 22.35 -13.11 12.63
C GLY A 104 23.77 -12.65 12.39
N GLN A 105 23.97 -11.45 11.85
CA GLN A 105 25.29 -10.92 11.59
C GLN A 105 25.79 -10.15 12.80
N VAL A 106 26.99 -10.52 13.27
CA VAL A 106 27.62 -9.79 14.37
C VAL A 106 27.95 -8.38 13.89
N LYS A 107 27.56 -7.39 14.70
CA LYS A 107 27.78 -6.00 14.30
C LYS A 107 29.27 -5.73 14.13
N THR A 108 29.61 -4.99 13.08
CA THR A 108 30.98 -4.64 12.81
C THR A 108 31.11 -3.17 12.45
N TYR A 109 31.85 -2.43 13.27
CA TYR A 109 32.24 -1.07 12.96
C TYR A 109 33.66 -1.06 12.42
N GLU A 110 33.79 -1.03 11.09
CA GLU A 110 35.09 -0.94 10.44
C GLU A 110 35.52 0.52 10.47
N TYR A 111 36.48 0.83 11.34
CA TYR A 111 36.94 2.20 11.47
C TYR A 111 37.70 2.60 10.21
N SER A 112 37.10 3.47 9.40
CA SER A 112 37.68 3.89 8.14
C SER A 112 38.82 4.89 8.30
N GLY A 113 39.34 5.06 9.51
CA GLY A 113 40.37 6.03 9.79
C GLY A 113 39.85 7.38 10.26
N THR A 114 38.57 7.66 10.04
CA THR A 114 37.97 8.91 10.50
C THR A 114 36.64 8.67 11.19
N ALA A 115 35.99 7.55 10.90
CA ALA A 115 34.69 7.26 11.46
C ALA A 115 34.49 5.74 11.54
N TRP A 116 33.61 5.34 12.46
CA TRP A 116 33.24 3.93 12.61
C TRP A 116 32.24 3.55 11.53
N VAL A 117 32.69 2.80 10.53
CA VAL A 117 31.90 2.50 9.34
C VAL A 117 31.41 1.06 9.43
N GLU A 118 30.21 0.82 8.93
CA GLU A 118 29.63 -0.52 8.87
C GLU A 118 30.31 -1.36 7.80
N LEU A 119 30.41 -2.67 8.01
CA LEU A 119 31.03 -3.56 7.04
C LEU A 119 30.25 -3.51 5.72
N VAL A 120 30.96 -3.74 4.61
CA VAL A 120 30.40 -3.54 3.28
C VAL A 120 30.63 -4.80 2.46
N GLY A 121 29.57 -5.27 1.79
CA GLY A 121 29.70 -6.41 0.91
C GLY A 121 28.86 -6.21 -0.35
N GLY A 122 28.51 -7.32 -0.98
CA GLY A 122 27.69 -7.27 -2.18
C GLY A 122 28.44 -7.82 -3.38
N MET A 123 27.92 -8.91 -3.93
CA MET A 123 28.62 -9.66 -4.97
C MET A 123 27.94 -9.46 -6.33
N SER A 124 27.08 -8.44 -6.44
CA SER A 124 26.35 -8.26 -7.68
C SER A 124 25.93 -6.81 -7.83
N ASP A 125 26.25 -6.23 -8.98
CA ASP A 125 25.75 -4.92 -9.37
C ASP A 125 25.21 -5.02 -10.78
N ALA A 126 24.05 -4.41 -10.99
CA ALA A 126 23.43 -4.45 -12.30
C ALA A 126 24.30 -3.73 -13.33
N PRO A 127 24.45 -4.29 -14.53
CA PRO A 127 25.17 -3.56 -15.58
C PRO A 127 24.52 -2.21 -15.85
N SER A 128 25.36 -1.20 -16.06
CA SER A 128 24.89 0.17 -16.27
C SER A 128 24.53 0.36 -17.74
N ASP A 129 23.44 -0.31 -18.14
CA ASP A 129 22.96 -0.25 -19.52
C ASP A 129 21.47 0.03 -19.59
N GLY A 130 20.88 0.59 -18.54
CA GLY A 130 19.52 1.08 -18.59
C GLY A 130 18.43 0.08 -18.27
N LYS A 131 18.78 -1.18 -18.00
CA LYS A 131 17.79 -2.20 -17.71
C LYS A 131 17.74 -2.51 -16.23
N ALA A 132 16.52 -2.69 -15.72
CA ALA A 132 16.31 -3.08 -14.33
C ALA A 132 16.41 -4.59 -14.21
N TYR A 133 17.15 -5.04 -13.21
CA TYR A 133 17.46 -6.46 -13.03
C TYR A 133 16.89 -6.96 -11.70
N ALA A 134 16.19 -8.08 -11.76
CA ALA A 134 15.65 -8.75 -10.60
C ALA A 134 16.31 -10.11 -10.42
N ARG A 135 16.38 -10.56 -9.17
CA ARG A 135 17.05 -11.81 -8.84
C ARG A 135 16.19 -12.99 -9.26
N GLU A 136 16.79 -13.95 -9.96
CA GLU A 136 16.09 -15.12 -10.47
C GLU A 136 17.02 -16.32 -10.38
N SER A 137 16.64 -17.31 -9.58
CA SER A 137 17.39 -18.56 -9.47
C SER A 137 18.86 -18.29 -9.18
N GLY A 138 19.13 -17.36 -8.27
CA GLY A 138 20.49 -17.01 -7.93
C GLY A 138 21.20 -16.16 -8.95
N ALA A 139 20.48 -15.61 -9.93
CA ALA A 139 21.07 -14.75 -10.94
C ALA A 139 20.14 -13.55 -11.17
N TRP A 140 20.74 -12.45 -11.60
CA TRP A 140 19.99 -11.23 -11.86
C TRP A 140 19.50 -11.23 -13.30
N THR A 141 18.20 -11.06 -13.48
CA THR A 141 17.56 -11.12 -14.80
C THR A 141 16.90 -9.77 -15.09
N GLU A 142 17.07 -9.29 -16.32
CA GLU A 142 16.51 -8.00 -16.70
C GLU A 142 14.99 -8.04 -16.68
N LEU A 143 14.38 -6.91 -16.33
CA LEU A 143 12.94 -6.78 -16.31
C LEU A 143 12.48 -5.91 -17.49
N GLY A 144 11.18 -5.99 -17.79
CA GLY A 144 10.60 -5.22 -18.87
C GLY A 144 10.10 -3.86 -18.41
N SER A 145 9.65 -3.07 -19.38
CA SER A 145 9.16 -1.73 -19.09
C SER A 145 7.87 -1.79 -18.29
N ALA A 146 7.03 -2.81 -18.51
CA ALA A 146 5.75 -2.89 -17.82
C ALA A 146 5.92 -2.94 -16.32
N ALA A 147 7.09 -3.36 -15.84
CA ALA A 147 7.31 -3.45 -14.40
C ALA A 147 7.19 -2.09 -13.73
N LYS A 148 7.72 -1.04 -14.37
CA LYS A 148 7.76 0.28 -13.76
C LYS A 148 6.42 1.00 -13.82
N SER A 149 5.64 0.80 -14.88
CA SER A 149 4.37 1.50 -15.01
C SER A 149 3.37 1.01 -13.97
N ALA A 150 2.61 1.94 -13.42
CA ALA A 150 1.57 1.62 -12.45
C ALA A 150 0.34 1.07 -13.18
N LEU A 151 -0.74 0.87 -12.43
CA LEU A 151 -1.98 0.32 -12.97
C LEU A 151 -3.13 1.32 -12.99
N ASN A 152 -3.05 2.39 -12.21
CA ASN A 152 -4.14 3.35 -12.12
C ASN A 152 -4.34 4.17 -13.39
N VAL A 153 -3.41 4.07 -14.35
CA VAL A 153 -3.47 4.92 -15.55
C VAL A 153 -3.69 4.11 -16.83
N LEU A 154 -3.59 2.79 -16.77
CA LEU A 154 -3.71 1.96 -17.96
C LEU A 154 -5.11 2.09 -18.55
N PRO A 155 -5.26 2.43 -19.85
CA PRO A 155 -6.61 2.62 -20.42
C PRO A 155 -7.27 1.31 -20.87
N PHE A 156 -7.90 0.63 -19.91
CA PHE A 156 -8.58 -0.61 -20.22
C PHE A 156 -10.00 -0.33 -20.69
N MET A 157 -10.61 -1.33 -21.34
CA MET A 157 -11.88 -1.13 -22.01
C MET A 157 -13.03 -1.41 -21.05
N ASN A 158 -13.99 -0.48 -21.02
CA ASN A 158 -15.18 -0.66 -20.18
C ASN A 158 -16.17 -1.58 -20.88
N LEU A 159 -16.94 -2.32 -20.08
CA LEU A 159 -17.92 -3.26 -20.62
C LEU A 159 -19.34 -2.71 -20.65
N MET A 160 -19.57 -1.53 -20.10
CA MET A 160 -20.91 -0.96 -20.09
C MET A 160 -21.16 -0.21 -21.40
N PRO A 161 -22.26 -0.47 -22.11
CA PRO A 161 -22.50 0.27 -23.36
C PRO A 161 -22.92 1.71 -23.15
N ASP A 162 -23.60 2.04 -22.06
CA ASP A 162 -24.11 3.39 -21.82
C ASP A 162 -23.29 4.17 -20.81
N MET A 163 -22.16 3.65 -20.36
CA MET A 163 -21.26 4.34 -19.43
C MET A 163 -21.91 4.56 -18.07
N GLY A 164 -23.06 3.94 -17.82
CA GLY A 164 -23.77 4.18 -16.58
C GLY A 164 -24.44 5.53 -16.51
N ARG A 165 -24.44 6.30 -17.59
CA ARG A 165 -25.14 7.58 -17.64
C ARG A 165 -26.65 7.40 -17.69
N PHE A 166 -27.15 6.17 -17.83
CA PHE A 166 -28.59 5.92 -17.85
C PHE A 166 -29.26 6.72 -18.95
N ALA A 167 -28.60 6.78 -20.11
CA ALA A 167 -29.11 7.51 -21.26
C ALA A 167 -29.32 6.63 -22.48
N GLY A 168 -29.01 5.34 -22.40
CA GLY A 168 -29.16 4.45 -23.51
C GLY A 168 -27.87 4.30 -24.32
N THR A 169 -27.78 3.18 -25.04
CA THR A 169 -26.62 2.90 -25.86
C THR A 169 -26.52 3.80 -27.08
N ALA A 170 -27.64 4.37 -27.53
CA ALA A 170 -27.59 5.25 -28.70
C ALA A 170 -26.82 6.53 -28.42
N ALA A 171 -26.63 6.90 -27.17
CA ALA A 171 -25.87 8.10 -26.84
C ALA A 171 -24.39 7.85 -27.07
N ASN A 172 -23.70 8.86 -27.59
CA ASN A 172 -22.28 8.71 -27.87
C ASN A 172 -21.49 8.83 -26.58
N PRO A 173 -20.71 7.83 -26.17
CA PRO A 173 -19.89 7.98 -24.97
C PRO A 173 -18.70 8.90 -25.15
N LEU A 174 -18.32 9.21 -26.39
CA LEU A 174 -17.17 10.07 -26.67
C LEU A 174 -17.47 11.54 -26.51
N ALA A 175 -18.75 11.93 -26.44
CA ALA A 175 -19.11 13.33 -26.35
C ALA A 175 -19.18 13.78 -24.89
N THR A 176 -18.82 15.04 -24.66
CA THR A 176 -18.88 15.58 -23.30
C THR A 176 -20.32 15.77 -22.84
N MET A 177 -21.20 16.16 -23.76
CA MET A 177 -22.58 16.48 -23.44
C MET A 177 -23.52 15.58 -24.25
N PHE A 178 -24.69 15.30 -23.68
CA PHE A 178 -25.71 14.51 -24.33
C PHE A 178 -27.06 15.17 -24.12
N THR A 179 -27.97 14.96 -25.08
CA THR A 179 -29.32 15.50 -25.01
C THR A 179 -30.38 14.44 -24.77
N THR A 180 -30.01 13.16 -24.85
CA THR A 180 -30.98 12.08 -24.63
C THR A 180 -31.45 12.08 -23.18
N SER A 181 -32.71 11.69 -22.98
CA SER A 181 -33.30 11.69 -21.66
C SER A 181 -32.80 10.49 -20.85
N TRP A 182 -33.27 10.40 -19.61
CA TRP A 182 -32.90 9.30 -18.74
C TRP A 182 -33.37 7.97 -19.32
N THR A 183 -32.58 6.93 -19.12
CA THR A 183 -32.85 5.61 -19.68
C THR A 183 -32.35 4.56 -18.70
N PRO A 184 -33.12 3.51 -18.41
CA PRO A 184 -32.63 2.46 -17.52
C PRO A 184 -31.49 1.69 -18.15
N SER A 185 -30.63 1.13 -17.30
CA SER A 185 -29.50 0.35 -17.77
C SER A 185 -29.79 -1.13 -17.54
N SER A 186 -29.45 -1.95 -18.52
CA SER A 186 -29.60 -3.39 -18.40
C SER A 186 -28.63 -3.99 -17.40
N PHE A 187 -27.58 -3.26 -17.03
CA PHE A 187 -26.56 -3.75 -16.12
C PHE A 187 -27.01 -3.72 -14.67
N LEU A 188 -28.15 -3.09 -14.37
CA LEU A 188 -28.69 -3.02 -13.01
C LEU A 188 -30.17 -3.43 -13.07
N ASN A 189 -30.43 -4.71 -12.80
CA ASN A 189 -31.79 -5.22 -12.77
C ASN A 189 -32.27 -5.35 -11.32
N GLY A 190 -33.48 -4.86 -11.08
CA GLY A 190 -34.02 -4.91 -9.72
C GLY A 190 -34.23 -6.35 -9.27
N TRP A 191 -34.06 -6.56 -7.96
CA TRP A 191 -34.27 -7.84 -7.33
C TRP A 191 -35.16 -7.69 -6.11
N ASN A 192 -35.90 -8.75 -5.79
CA ASN A 192 -36.80 -8.77 -4.63
C ASN A 192 -37.80 -7.63 -4.69
N GLY A 193 -38.27 -7.30 -5.89
CA GLY A 193 -39.25 -6.23 -6.06
C GLY A 193 -38.68 -4.83 -5.99
N ALA A 194 -37.36 -4.68 -6.01
CA ALA A 194 -36.76 -3.36 -5.93
C ALA A 194 -37.08 -2.46 -7.11
N THR A 195 -37.30 -1.18 -6.81
CA THR A 195 -37.63 -0.18 -7.81
C THR A 195 -36.47 0.79 -7.98
N VAL A 196 -36.12 1.03 -9.24
CA VAL A 196 -35.03 1.95 -9.60
C VAL A 196 -35.65 3.15 -10.29
N ALA A 197 -35.31 4.34 -9.81
CA ALA A 197 -35.84 5.59 -10.33
C ALA A 197 -34.72 6.60 -10.51
N ASP A 198 -34.95 7.55 -11.39
CA ASP A 198 -33.98 8.60 -11.66
C ASP A 198 -33.75 9.44 -10.40
N GLY A 199 -32.49 9.75 -10.12
CA GLY A 199 -32.11 10.51 -8.94
C GLY A 199 -31.63 11.91 -9.20
N GLY A 200 -31.03 12.16 -10.35
CA GLY A 200 -30.52 13.47 -10.68
C GLY A 200 -29.60 13.43 -11.88
N LYS A 201 -29.15 14.61 -12.31
CA LYS A 201 -28.28 14.75 -13.47
C LYS A 201 -27.38 15.96 -13.32
N PHE A 202 -26.13 15.82 -13.77
CA PHE A 202 -25.18 16.92 -13.77
C PHE A 202 -25.06 17.44 -15.20
N ALA A 203 -25.14 18.76 -15.37
CA ALA A 203 -25.15 19.37 -16.69
C ALA A 203 -23.90 20.22 -16.90
N PHE A 204 -23.37 20.15 -18.12
CA PHE A 204 -22.25 21.00 -18.48
C PHE A 204 -22.67 22.45 -18.50
N ASP A 205 -21.78 23.33 -18.04
CA ASP A 205 -22.08 24.76 -17.95
C ASP A 205 -23.33 25.01 -17.12
N ASN A 206 -23.44 24.33 -15.98
CA ASN A 206 -24.62 24.43 -15.15
C ASN A 206 -24.72 25.83 -14.54
N SER A 207 -25.92 26.16 -14.04
CA SER A 207 -26.18 27.50 -13.52
C SER A 207 -25.78 27.66 -12.07
N THR A 208 -25.74 26.57 -11.29
CA THR A 208 -25.43 26.68 -9.87
C THR A 208 -24.09 27.38 -9.64
N ASN A 209 -23.13 27.18 -10.55
CA ASN A 209 -21.82 27.82 -10.44
C ASN A 209 -21.66 28.96 -11.45
N GLY A 210 -22.72 29.73 -11.67
CA GLY A 210 -22.64 30.94 -12.46
C GLY A 210 -22.95 30.79 -13.93
N GLY A 211 -23.57 29.67 -14.35
CA GLY A 211 -23.91 29.46 -15.73
C GLY A 211 -25.38 29.75 -16.02
N ALA A 212 -25.87 29.11 -17.09
CA ALA A 212 -27.25 29.24 -17.51
C ALA A 212 -27.96 27.90 -17.66
N GLY A 213 -27.28 26.79 -17.39
CA GLY A 213 -27.88 25.49 -17.52
C GLY A 213 -28.67 25.10 -16.30
N PRO A 214 -29.03 23.82 -16.23
CA PRO A 214 -29.77 23.33 -15.07
C PRO A 214 -28.98 23.51 -13.79
N ALA A 215 -29.68 23.40 -12.66
CA ALA A 215 -29.04 23.55 -11.37
C ALA A 215 -28.69 22.18 -10.79
N LEU A 216 -27.81 22.18 -9.78
CA LEU A 216 -27.36 20.95 -9.16
C LEU A 216 -28.10 20.72 -7.85
N ASN A 217 -28.55 19.48 -7.64
CA ASN A 217 -29.30 19.15 -6.44
C ASN A 217 -28.37 18.60 -5.35
N ALA A 218 -28.89 18.58 -4.13
CA ALA A 218 -28.05 18.31 -2.96
C ALA A 218 -27.21 17.05 -3.12
N ARG A 219 -27.79 16.00 -3.69
CA ARG A 219 -27.06 14.74 -3.85
C ARG A 219 -25.80 14.94 -4.68
N VAL A 220 -25.90 15.75 -5.74
CA VAL A 220 -24.75 15.96 -6.62
C VAL A 220 -23.67 16.78 -5.93
N GLN A 221 -24.04 17.80 -5.14
CA GLN A 221 -23.01 18.49 -4.37
C GLN A 221 -22.35 17.55 -3.38
N ALA A 222 -23.14 16.71 -2.72
CA ALA A 222 -22.55 15.75 -1.79
C ALA A 222 -21.55 14.85 -2.49
N LEU A 223 -21.92 14.31 -3.66
CA LEU A 223 -21.01 13.49 -4.43
C LEU A 223 -19.75 14.26 -4.79
N LEU A 224 -19.90 15.45 -5.37
CA LEU A 224 -18.75 16.21 -5.84
C LEU A 224 -17.81 16.56 -4.71
N ALA A 225 -18.37 16.98 -3.56
CA ALA A 225 -17.53 17.22 -2.40
C ALA A 225 -16.80 15.95 -1.99
N ALA A 226 -17.49 14.81 -2.03
CA ALA A 226 -16.81 13.53 -1.85
C ALA A 226 -15.78 13.30 -2.95
N MET A 227 -16.04 13.77 -4.17
CA MET A 227 -15.10 13.53 -5.25
C MET A 227 -13.84 14.36 -5.14
N GLY A 228 -13.87 15.43 -4.35
CA GLY A 228 -12.78 16.39 -4.32
C GLY A 228 -12.80 17.40 -5.45
N ARG A 229 -13.84 17.39 -6.28
CA ARG A 229 -13.97 18.33 -7.40
C ARG A 229 -14.67 19.60 -6.91
N THR A 230 -13.92 20.40 -6.16
CA THR A 230 -14.45 21.64 -5.58
C THR A 230 -14.03 22.88 -6.35
N TRP A 231 -13.04 22.77 -7.24
CA TRP A 231 -12.55 23.92 -8.00
C TRP A 231 -13.46 24.18 -9.19
N THR A 232 -13.57 25.44 -9.58
CA THR A 232 -14.45 25.82 -10.67
C THR A 232 -14.12 25.05 -11.94
N SER A 233 -12.82 24.87 -12.23
CA SER A 233 -12.42 24.18 -13.45
C SER A 233 -12.95 22.75 -13.46
N VAL A 234 -13.09 22.13 -12.30
CA VAL A 234 -13.58 20.75 -12.22
C VAL A 234 -14.92 20.65 -11.50
N SER A 235 -15.43 21.74 -10.92
CA SER A 235 -16.73 21.73 -10.27
C SER A 235 -17.79 22.45 -11.09
N ARG A 236 -17.40 23.48 -11.84
CA ARG A 236 -18.32 24.24 -12.68
C ARG A 236 -18.46 23.63 -14.06
N TYR A 237 -17.55 22.73 -14.44
CA TYR A 237 -17.62 22.00 -15.69
C TYR A 237 -17.48 20.51 -15.44
N GLY A 238 -17.86 19.72 -16.44
CA GLY A 238 -17.71 18.28 -16.36
C GLY A 238 -18.60 17.58 -17.36
N VAL A 239 -18.52 16.25 -17.34
CA VAL A 239 -19.29 15.44 -18.27
C VAL A 239 -20.68 15.19 -17.69
N GLU A 240 -21.64 14.98 -18.58
CA GLU A 240 -23.03 14.79 -18.15
C GLU A 240 -23.31 13.32 -17.87
N PHE A 241 -24.27 13.07 -16.97
CA PHE A 241 -24.69 11.72 -16.63
C PHE A 241 -25.87 11.81 -15.67
N PHE A 242 -26.63 10.73 -15.61
CA PHE A 242 -27.78 10.64 -14.71
C PHE A 242 -27.44 9.82 -13.47
N THR A 243 -28.15 10.10 -12.39
CA THR A 243 -28.09 9.31 -11.17
C THR A 243 -29.45 8.66 -10.93
N ALA A 244 -29.44 7.54 -10.21
CA ALA A 244 -30.65 6.82 -9.88
C ALA A 244 -30.62 6.35 -8.44
N VAL A 245 -31.81 6.17 -7.87
CA VAL A 245 -31.98 5.73 -6.49
C VAL A 245 -32.82 4.46 -6.52
N LEU A 246 -32.29 3.39 -5.94
CA LEU A 246 -32.97 2.11 -5.89
C LEU A 246 -33.63 1.93 -4.53
N THR A 247 -34.94 1.68 -4.54
CA THR A 247 -35.71 1.41 -3.34
C THR A 247 -35.93 -0.09 -3.22
N ALA A 248 -35.41 -0.69 -2.16
CA ALA A 248 -35.54 -2.12 -1.96
C ALA A 248 -37.00 -2.52 -1.88
N GLY A 249 -37.35 -3.64 -2.51
CA GLY A 249 -38.71 -4.11 -2.51
C GLY A 249 -39.08 -4.81 -1.22
N SER A 250 -40.34 -5.24 -1.16
CA SER A 250 -40.88 -5.89 0.03
C SER A 250 -40.61 -7.40 0.05
N GLN A 251 -40.10 -7.97 -1.03
CA GLN A 251 -39.81 -9.39 -1.06
C GLN A 251 -38.63 -9.72 -0.15
N THR A 252 -38.62 -10.94 0.35
CA THR A 252 -37.61 -11.41 1.30
C THR A 252 -36.91 -12.67 0.82
N THR A 253 -36.50 -12.69 -0.44
CA THR A 253 -35.80 -13.84 -0.98
C THR A 253 -34.29 -13.64 -0.89
N THR A 254 -33.54 -14.74 -0.82
CA THR A 254 -32.09 -14.68 -0.78
C THR A 254 -31.59 -13.88 0.41
N GLY A 255 -31.88 -14.36 1.62
CA GLY A 255 -31.44 -13.69 2.83
C GLY A 255 -29.94 -13.84 3.06
N SER A 256 -29.40 -12.92 3.85
CA SER A 256 -27.98 -12.90 4.17
C SER A 256 -27.74 -11.93 5.32
N ALA A 257 -26.68 -12.18 6.08
CA ALA A 257 -26.33 -11.36 7.24
C ALA A 257 -24.98 -10.69 7.03
N GLY A 258 -24.83 -9.49 7.56
CA GLY A 258 -23.59 -8.76 7.43
C GLY A 258 -22.64 -9.03 8.59
N ALA A 259 -21.56 -8.23 8.63
CA ALA A 259 -20.57 -8.37 9.69
C ALA A 259 -21.14 -8.06 11.06
N ASP A 260 -22.18 -7.23 11.14
CA ASP A 260 -22.82 -6.90 12.40
C ASP A 260 -23.92 -7.87 12.78
N GLY A 261 -24.14 -8.92 11.98
CA GLY A 261 -25.15 -9.91 12.28
C GLY A 261 -26.56 -9.52 11.91
N VAL A 262 -26.74 -8.48 11.10
CA VAL A 262 -28.08 -8.03 10.71
C VAL A 262 -28.43 -8.66 9.37
N THR A 263 -29.59 -9.32 9.30
CA THR A 263 -30.00 -10.00 8.09
C THR A 263 -30.53 -9.01 7.06
N ARG A 264 -30.21 -9.25 5.79
CA ARG A 264 -30.68 -8.43 4.69
C ARG A 264 -30.87 -9.29 3.45
N TYR A 265 -31.46 -8.70 2.43
CA TYR A 265 -31.83 -9.42 1.21
C TYR A 265 -31.29 -8.69 -0.01
N LEU A 266 -31.00 -9.45 -1.06
CA LEU A 266 -30.48 -8.88 -2.30
C LEU A 266 -31.53 -7.97 -2.94
N CYS A 267 -31.08 -6.86 -3.51
CA CYS A 267 -31.99 -5.87 -4.07
C CYS A 267 -31.81 -5.68 -5.57
N CYS A 268 -30.61 -5.93 -6.12
CA CYS A 268 -30.35 -5.72 -7.53
C CYS A 268 -29.52 -6.88 -8.07
N SER A 269 -29.63 -7.10 -9.38
CA SER A 269 -28.90 -8.15 -10.07
C SER A 269 -28.44 -7.64 -11.43
N ASN A 270 -27.43 -8.31 -11.98
CA ASN A 270 -26.85 -7.91 -13.25
C ASN A 270 -27.48 -8.60 -14.45
N GLY A 271 -28.41 -9.53 -14.22
CA GLY A 271 -29.00 -10.26 -15.32
C GLY A 271 -28.05 -11.26 -15.97
N SER A 272 -27.20 -11.89 -15.18
CA SER A 272 -26.29 -12.93 -15.68
C SER A 272 -25.47 -12.43 -16.86
N LYS A 273 -24.66 -11.40 -16.62
CA LYS A 273 -23.81 -10.85 -17.68
C LYS A 273 -22.63 -11.78 -17.94
N THR A 274 -22.15 -11.76 -19.19
CA THR A 274 -21.05 -12.62 -19.61
C THR A 274 -19.70 -11.96 -19.33
N VAL A 275 -19.42 -11.79 -18.03
CA VAL A 275 -18.19 -11.12 -17.60
C VAL A 275 -17.14 -12.07 -17.06
N PHE A 276 -17.55 -13.20 -16.48
CA PHE A 276 -16.64 -14.13 -15.82
C PHE A 276 -15.92 -14.95 -16.89
N ASN A 277 -14.96 -14.32 -17.58
CA ASN A 277 -14.20 -15.02 -18.60
C ASN A 277 -12.72 -15.10 -18.26
N ALA A 278 -12.10 -13.96 -17.95
CA ALA A 278 -10.66 -13.94 -17.72
C ALA A 278 -10.33 -14.64 -16.42
N GLY A 279 -9.89 -15.89 -16.51
CA GLY A 279 -9.61 -16.67 -15.32
C GLY A 279 -10.71 -16.66 -14.29
N GLY A 280 -11.95 -16.36 -14.71
CA GLY A 280 -13.03 -16.18 -13.77
C GLY A 280 -12.97 -14.90 -12.99
N TRP A 281 -12.07 -13.99 -13.35
CA TRP A 281 -11.83 -12.78 -12.58
C TRP A 281 -12.85 -11.71 -12.95
N ALA A 282 -13.27 -10.94 -11.95
CA ALA A 282 -14.23 -9.86 -12.13
C ALA A 282 -13.79 -8.66 -11.30
N THR A 283 -14.23 -7.48 -11.74
CA THR A 283 -13.97 -6.23 -11.03
C THR A 283 -15.18 -5.32 -11.18
N VAL A 284 -15.68 -4.83 -10.05
CA VAL A 284 -16.81 -3.91 -10.03
C VAL A 284 -16.42 -2.68 -9.23
N VAL A 285 -16.56 -1.52 -9.84
CA VAL A 285 -16.25 -0.24 -9.20
C VAL A 285 -17.42 0.69 -9.42
N MET A 286 -17.95 1.26 -8.33
CA MET A 286 -19.11 2.11 -8.43
C MET A 286 -19.19 3.00 -7.20
N TRP A 287 -19.86 4.14 -7.35
CA TRP A 287 -19.98 5.14 -6.31
C TRP A 287 -21.40 5.19 -5.78
N LEU A 288 -21.54 5.09 -4.45
CA LEU A 288 -22.83 4.98 -3.80
C LEU A 288 -22.87 5.71 -2.47
N ARG A 289 -24.09 5.98 -2.01
CA ARG A 289 -24.34 6.64 -0.73
C ARG A 289 -25.67 6.15 -0.21
N VAL A 290 -25.76 5.93 1.10
CA VAL A 290 -26.98 5.42 1.73
C VAL A 290 -27.82 6.61 2.19
N GLU A 291 -29.02 6.73 1.63
CA GLU A 291 -29.97 7.75 2.07
C GLU A 291 -30.87 7.29 3.19
N SER A 292 -31.19 6.00 3.24
CA SER A 292 -32.02 5.45 4.31
C SER A 292 -31.71 3.96 4.45
N GLY A 293 -32.05 3.43 5.63
CA GLY A 293 -31.84 2.01 5.88
C GLY A 293 -30.38 1.67 6.08
N SER A 294 -30.07 0.38 5.94
CA SER A 294 -28.72 -0.12 6.14
C SER A 294 -28.44 -1.21 5.12
N ALA A 295 -27.16 -1.40 4.80
CA ALA A 295 -26.72 -2.40 3.85
C ALA A 295 -25.31 -2.84 4.18
N HIS A 296 -24.91 -3.97 3.61
CA HIS A 296 -23.58 -4.52 3.82
C HIS A 296 -23.11 -5.19 2.52
N ILE A 297 -21.89 -5.69 2.55
CA ILE A 297 -21.23 -6.27 1.38
C ILE A 297 -21.11 -7.77 1.59
N SER A 298 -21.56 -8.54 0.60
CA SER A 298 -21.44 -10.00 0.61
C SER A 298 -22.36 -10.60 1.67
N SER A 299 -22.12 -11.86 2.04
CA SER A 299 -22.83 -12.50 3.14
C SER A 299 -21.82 -12.88 4.21
N ALA A 300 -20.76 -13.57 3.81
CA ALA A 300 -19.68 -13.94 4.71
C ALA A 300 -18.46 -14.24 3.86
N PRO A 301 -17.27 -14.22 4.44
CA PRO A 301 -16.07 -14.55 3.66
C PRO A 301 -16.20 -15.87 2.93
N TYR A 302 -16.27 -15.83 1.61
CA TYR A 302 -16.46 -17.02 0.79
C TYR A 302 -15.47 -16.99 -0.37
N THR A 303 -14.88 -18.13 -0.66
CA THR A 303 -13.92 -18.24 -1.77
C THR A 303 -12.83 -17.19 -1.55
N THR A 304 -12.29 -16.65 -2.63
CA THR A 304 -11.34 -15.54 -2.56
C THR A 304 -12.09 -14.23 -2.78
N HIS A 305 -11.64 -13.19 -2.09
CA HIS A 305 -12.31 -11.90 -2.14
C HIS A 305 -11.39 -10.85 -1.55
N ARG A 306 -11.61 -9.60 -1.96
CA ARG A 306 -10.78 -8.48 -1.53
C ARG A 306 -11.49 -7.18 -1.85
N LEU A 307 -11.81 -6.41 -0.82
CA LEU A 307 -12.60 -5.19 -0.94
C LEU A 307 -11.74 -4.00 -0.55
N TRP A 308 -11.74 -2.96 -1.39
CA TRP A 308 -11.14 -1.69 -1.05
C TRP A 308 -12.24 -0.64 -0.93
N ILE A 309 -12.18 0.17 0.12
CA ILE A 309 -13.12 1.25 0.36
C ILE A 309 -12.34 2.56 0.30
N ASN A 310 -12.47 3.27 -0.81
CA ASN A 310 -11.70 4.50 -1.03
C ASN A 310 -10.21 4.23 -0.89
N GLY A 311 -9.76 3.12 -1.47
CA GLY A 311 -8.37 2.73 -1.41
C GLY A 311 -7.97 1.99 -0.14
N ALA A 312 -8.89 1.74 0.77
CA ALA A 312 -8.59 1.05 2.01
C ALA A 312 -9.24 -0.34 2.01
N VAL A 313 -8.42 -1.36 2.28
CA VAL A 313 -8.91 -2.73 2.24
C VAL A 313 -10.03 -2.90 3.26
N ALA A 314 -11.02 -3.73 2.93
CA ALA A 314 -12.16 -3.97 3.79
C ALA A 314 -12.54 -5.44 3.77
N ALA A 315 -13.24 -5.88 4.81
CA ALA A 315 -13.68 -7.26 4.92
C ALA A 315 -15.16 -7.39 4.58
N PRO A 316 -15.63 -8.61 4.32
CA PRO A 316 -17.04 -8.80 3.98
C PRO A 316 -17.96 -8.41 5.12
N GLY A 317 -19.16 -7.96 4.77
CA GLY A 317 -20.17 -7.63 5.76
C GLY A 317 -20.02 -6.29 6.42
N VAL A 318 -18.99 -5.51 6.07
CA VAL A 318 -18.79 -4.19 6.65
C VAL A 318 -19.99 -3.33 6.31
N VAL A 319 -20.63 -2.74 7.32
CA VAL A 319 -21.79 -1.91 7.11
C VAL A 319 -21.31 -0.50 6.74
N LEU A 320 -21.55 -0.13 5.50
CA LEU A 320 -21.13 1.18 5.01
C LEU A 320 -21.80 2.28 5.83
N PRO A 321 -21.07 3.34 6.21
CA PRO A 321 -21.69 4.41 6.98
C PRO A 321 -22.80 5.08 6.20
N ALA A 322 -23.87 5.44 6.90
CA ALA A 322 -25.05 6.01 6.25
C ALA A 322 -24.79 7.44 5.81
N ASN A 323 -25.18 7.74 4.58
CA ASN A 323 -25.14 9.08 3.99
C ASN A 323 -23.72 9.56 3.69
N GLN A 324 -22.82 8.66 3.27
CA GLN A 324 -21.49 9.03 2.82
C GLN A 324 -21.19 8.32 1.51
N TRP A 325 -20.46 8.99 0.62
CA TRP A 325 -20.08 8.38 -0.64
C TRP A 325 -18.82 7.53 -0.46
N VAL A 326 -18.87 6.29 -0.92
CA VAL A 326 -17.79 5.33 -0.71
C VAL A 326 -17.43 4.68 -2.04
N HIS A 327 -16.13 4.58 -2.28
CA HIS A 327 -15.60 3.93 -3.47
C HIS A 327 -15.30 2.47 -3.15
N LEU A 328 -15.99 1.56 -3.84
CA LEU A 328 -15.82 0.13 -3.61
C LEU A 328 -15.19 -0.50 -4.84
N ARG A 329 -14.35 -1.51 -4.62
CA ARG A 329 -13.74 -2.28 -5.70
C ARG A 329 -13.69 -3.74 -5.27
N PHE A 330 -14.69 -4.51 -5.70
CA PHE A 330 -14.84 -5.90 -5.30
C PHE A 330 -14.36 -6.80 -6.44
N SER A 331 -13.20 -7.41 -6.26
CA SER A 331 -12.62 -8.30 -7.25
C SER A 331 -12.55 -9.71 -6.69
N MET A 332 -13.09 -10.67 -7.43
CA MET A 332 -13.09 -12.06 -7.03
C MET A 332 -12.95 -12.93 -8.27
N GLN A 333 -12.88 -14.24 -8.06
CA GLN A 333 -12.63 -15.20 -9.12
C GLN A 333 -13.71 -16.28 -9.09
N SER A 334 -14.19 -16.67 -10.27
CA SER A 334 -15.23 -17.69 -10.40
C SER A 334 -15.11 -18.34 -11.77
N TYR A 335 -14.84 -19.65 -11.79
CA TYR A 335 -14.69 -20.38 -13.05
C TYR A 335 -16.03 -20.78 -13.65
N ASN A 336 -17.14 -20.54 -12.96
CA ASN A 336 -18.45 -20.92 -13.47
C ASN A 336 -18.77 -20.28 -14.82
N GLY A 337 -18.18 -19.13 -15.13
CA GLY A 337 -18.40 -18.48 -16.41
C GLY A 337 -19.48 -17.42 -16.41
N TYR A 338 -20.30 -17.34 -15.37
CA TYR A 338 -21.38 -16.37 -15.30
C TYR A 338 -21.96 -16.33 -13.90
N ASP A 339 -22.67 -15.24 -13.60
CA ASP A 339 -23.37 -15.09 -12.33
C ASP A 339 -24.31 -13.91 -12.44
N ASN A 340 -25.48 -14.02 -11.79
CA ASN A 340 -26.45 -12.93 -11.86
C ASN A 340 -26.33 -11.99 -10.67
N ALA A 341 -26.13 -12.52 -9.48
CA ALA A 341 -26.02 -11.70 -8.28
C ALA A 341 -24.58 -11.33 -7.93
N CYS A 342 -23.72 -11.22 -8.95
CA CYS A 342 -22.29 -10.96 -8.76
C CYS A 342 -22.00 -9.93 -7.66
N PRO A 343 -22.73 -8.82 -7.61
CA PRO A 343 -22.41 -7.80 -6.58
C PRO A 343 -22.46 -8.33 -5.17
N TYR A 344 -23.34 -9.28 -4.88
CA TYR A 344 -23.45 -9.87 -3.54
C TYR A 344 -23.72 -8.79 -2.50
N ILE A 345 -24.54 -7.81 -2.86
CA ILE A 345 -24.87 -6.70 -1.98
C ILE A 345 -26.31 -6.88 -1.49
N TYR A 346 -26.48 -6.85 -0.17
CA TYR A 346 -27.79 -6.99 0.46
C TYR A 346 -28.09 -5.74 1.26
N ALA A 347 -29.33 -5.26 1.19
CA ALA A 347 -29.76 -4.05 1.87
C ALA A 347 -31.09 -4.32 2.58
N SER A 348 -31.33 -3.54 3.64
CA SER A 348 -32.56 -3.67 4.39
C SER A 348 -33.74 -3.16 3.57
N ALA A 349 -34.91 -3.74 3.82
CA ALA A 349 -36.12 -3.34 3.12
C ALA A 349 -36.42 -1.87 3.38
N GLY A 350 -36.80 -1.15 2.33
CA GLY A 350 -37.09 0.26 2.43
C GLY A 350 -35.88 1.16 2.42
N ALA A 351 -34.67 0.60 2.31
CA ALA A 351 -33.48 1.44 2.28
C ALA A 351 -33.39 2.19 0.96
N GLN A 352 -33.09 3.48 1.05
CA GLN A 352 -32.90 4.32 -0.13
C GLN A 352 -31.40 4.45 -0.39
N ILE A 353 -30.93 3.83 -1.46
CA ILE A 353 -29.51 3.77 -1.79
C ILE A 353 -29.27 4.65 -3.01
N ALA A 354 -28.34 5.59 -2.89
CA ALA A 354 -27.92 6.42 -4.00
C ALA A 354 -26.65 5.85 -4.61
N PHE A 355 -26.59 5.85 -5.94
CA PHE A 355 -25.46 5.29 -6.67
C PHE A 355 -25.30 6.01 -8.00
N ALA A 356 -24.04 6.18 -8.42
CA ALA A 356 -23.74 6.89 -9.66
C ALA A 356 -22.43 6.39 -10.24
N CYS A 357 -22.35 6.42 -11.57
CA CYS A 357 -21.14 6.08 -12.32
C CYS A 357 -20.59 4.69 -11.98
N PRO A 358 -21.38 3.63 -12.18
CA PRO A 358 -20.81 2.28 -12.07
C PRO A 358 -19.81 1.98 -13.17
N ALA A 359 -18.88 1.08 -12.86
CA ALA A 359 -17.89 0.62 -13.83
C ALA A 359 -17.55 -0.83 -13.52
N TRP A 360 -17.68 -1.69 -14.52
CA TRP A 360 -17.34 -3.10 -14.44
C TRP A 360 -16.22 -3.44 -15.41
N PHE A 361 -15.45 -4.46 -15.07
CA PHE A 361 -14.33 -4.91 -15.88
C PHE A 361 -14.28 -6.42 -15.87
N GLY A 362 -13.78 -6.99 -16.97
CA GLY A 362 -13.74 -8.43 -17.10
C GLY A 362 -12.48 -9.04 -16.51
N GLY A 363 -11.98 -8.45 -15.44
CA GLY A 363 -10.79 -8.97 -14.80
C GLY A 363 -10.35 -8.04 -13.68
N LEU A 364 -9.23 -8.41 -13.06
CA LEU A 364 -8.64 -7.61 -11.99
C LEU A 364 -7.91 -6.43 -12.61
N VAL A 365 -8.42 -5.23 -12.34
CA VAL A 365 -7.79 -4.01 -12.79
C VAL A 365 -7.80 -3.03 -11.63
N ASP A 366 -6.83 -2.11 -11.65
CA ASP A 366 -6.63 -1.14 -10.56
C ASP A 366 -6.63 0.27 -11.13
N PRO A 367 -7.80 0.86 -11.38
CA PRO A 367 -7.85 2.24 -11.87
C PRO A 367 -7.85 3.29 -10.76
N GLY A 368 -7.70 2.88 -9.50
CA GLY A 368 -7.77 3.83 -8.41
C GLY A 368 -9.19 4.35 -8.19
N ILE A 369 -9.26 5.50 -7.54
CA ILE A 369 -10.53 6.16 -7.27
C ILE A 369 -10.89 6.97 -8.52
N HIS A 370 -11.72 6.40 -9.39
CA HIS A 370 -12.08 7.04 -10.63
C HIS A 370 -12.99 8.23 -10.38
N VAL A 371 -13.14 9.09 -11.39
CA VAL A 371 -14.00 10.26 -11.32
C VAL A 371 -15.05 10.25 -12.42
N ALA A 372 -14.97 9.33 -13.37
CA ALA A 372 -15.94 9.24 -14.44
C ALA A 372 -15.90 7.84 -15.01
N PRO A 373 -16.97 7.40 -15.67
CA PRO A 373 -16.96 6.06 -16.27
C PRO A 373 -15.92 5.95 -17.38
N ILE A 374 -15.39 4.75 -17.56
CA ILE A 374 -14.40 4.50 -18.60
C ILE A 374 -15.13 4.27 -19.92
N LEU A 375 -14.58 4.82 -21.01
CA LEU A 375 -15.29 4.82 -22.29
C LEU A 375 -15.20 3.45 -22.96
N THR A 376 -16.06 3.25 -23.95
CA THR A 376 -15.99 2.11 -24.86
C THR A 376 -16.20 2.62 -26.29
N ILE A 377 -16.38 1.69 -27.22
CA ILE A 377 -16.64 2.02 -28.62
C ILE A 377 -17.86 1.24 -29.09
N ASN A 378 -18.79 1.94 -29.73
CA ASN A 378 -20.00 1.33 -30.27
C ASN A 378 -20.34 2.02 -31.59
N GLY A 379 -21.47 1.62 -32.18
CA GLY A 379 -21.91 2.24 -33.41
C GLY A 379 -22.27 3.70 -33.26
N ALA A 380 -22.69 4.12 -32.07
CA ALA A 380 -23.05 5.50 -31.80
C ALA A 380 -21.89 6.31 -31.22
N SER A 381 -20.69 5.73 -31.17
CA SER A 381 -19.53 6.41 -30.59
C SER A 381 -18.92 7.45 -31.52
N ALA A 382 -19.50 7.70 -32.68
CA ALA A 382 -18.97 8.70 -33.61
C ALA A 382 -19.79 9.99 -33.54
#